data_4LU3
#
_entry.id   4LU3
#
_cell.length_a   88.610
_cell.length_b   88.610
_cell.length_c   108.900
_cell.angle_alpha   90.00
_cell.angle_beta   90.00
_cell.angle_gamma   90.00
#
_symmetry.space_group_name_H-M   'P 41 21 2'
#
loop_
_entity.id
_entity.type
_entity.pdbx_description
1 polymer 'Carbonic anhydrase 14'
2 branched alpha-D-mannopyranose-(1-3)-[alpha-D-mannopyranose-(1-6)]beta-D-mannopyranose-(1-4)-2-acetamido-2-deoxy-beta-D-glucopyranose-(1-4)-2-acetamido-2-deoxy-beta-D-glucopyranose
3 non-polymer 'ZINC ION'
4 non-polymer 5-ACETAMIDO-1,3,4-THIADIAZOLE-2-SULFONAMIDE
5 non-polymer GLYCEROL
6 non-polymer 'SULFATE ION'
7 water water
#
_entity_poly.entity_id   1
_entity_poly.type   'polypeptide(L)'
_entity_poly.pdbx_seq_one_letter_code
;ADGGQHWTYEGPHGQDHWPASYPECGNNAQSPIDIQTDSVTFDPDLPALQPHGYDQPGTEPLDLHNNGHTVQLSLPSTLY
LGGLPRKYVAAQLHLHWGQKGSPGGSEHQINSEATFAELHIVHYDSDSYDSLSEAAERPQGLAVLGILIEVGETKNIAYE
HILSHLHEVRHKDQKTSVPPFNLRELLPKQLGQYFRYNGSLTTPPCYQSVLWTVFYRRSQISMEQLEKLQGTLFSTEEEP
SKLLVQNYRALQPLNQRMVFASFIQAGSSYTTGEMLVPR
;
_entity_poly.pdbx_strand_id   A
#
loop_
_chem_comp.id
_chem_comp.type
_chem_comp.name
_chem_comp.formula
AZM non-polymer 5-ACETAMIDO-1,3,4-THIADIAZOLE-2-SULFONAMIDE 'C4 H6 N4 O3 S2'
BMA D-saccharide, beta linking beta-D-mannopyranose 'C6 H12 O6'
GOL non-polymer GLYCEROL 'C3 H8 O3'
MAN D-saccharide, alpha linking alpha-D-mannopyranose 'C6 H12 O6'
NAG D-saccharide, beta linking 2-acetamido-2-deoxy-beta-D-glucopyranose 'C8 H15 N O6'
SO4 non-polymer 'SULFATE ION' 'O4 S -2'
ZN non-polymer 'ZINC ION' 'Zn 2'
#
# COMPACT_ATOMS: atom_id res chain seq x y z
N HIS A 6 -4.57 -14.91 -13.82
CA HIS A 6 -4.18 -16.25 -13.29
C HIS A 6 -4.34 -16.37 -11.76
N TRP A 7 -3.59 -15.61 -10.97
CA TRP A 7 -3.74 -15.74 -9.51
C TRP A 7 -4.91 -14.94 -8.95
N THR A 8 -5.43 -15.37 -7.81
CA THR A 8 -6.56 -14.68 -7.18
C THR A 8 -6.31 -14.67 -5.69
N TYR A 9 -7.20 -14.04 -4.92
CA TYR A 9 -7.06 -14.03 -3.47
C TYR A 9 -7.72 -15.27 -2.88
N GLU A 10 -8.89 -15.63 -3.42
CA GLU A 10 -9.63 -16.80 -2.95
C GLU A 10 -9.72 -17.90 -4.02
N GLY A 11 -9.93 -19.13 -3.57
CA GLY A 11 -10.07 -20.25 -4.49
C GLY A 11 -8.84 -21.10 -4.78
N PRO A 12 -8.93 -21.99 -5.78
CA PRO A 12 -7.85 -22.90 -6.19
C PRO A 12 -6.53 -22.17 -6.38
N HIS A 13 -6.60 -20.98 -6.98
CA HIS A 13 -5.42 -20.17 -7.23
C HIS A 13 -5.30 -19.02 -6.24
N GLY A 14 -6.00 -19.18 -5.11
CA GLY A 14 -6.02 -18.20 -4.03
C GLY A 14 -4.74 -18.13 -3.23
N GLN A 15 -4.66 -17.13 -2.34
CA GLN A 15 -3.44 -16.91 -1.58
C GLN A 15 -2.84 -18.07 -0.81
N ASP A 16 -3.67 -18.97 -0.28
CA ASP A 16 -3.13 -20.12 0.43
C ASP A 16 -2.33 -21.03 -0.51
N HIS A 17 -2.57 -20.86 -1.81
CA HIS A 17 -1.88 -21.68 -2.81
C HIS A 17 -0.82 -20.94 -3.61
N TRP A 18 -0.64 -19.65 -3.34
CA TRP A 18 0.37 -18.90 -4.09
C TRP A 18 1.73 -19.59 -4.13
N PRO A 19 2.22 -20.10 -2.99
CA PRO A 19 3.54 -20.76 -3.02
C PRO A 19 3.66 -21.89 -4.05
N ALA A 20 2.56 -22.56 -4.38
CA ALA A 20 2.59 -23.66 -5.35
C ALA A 20 2.90 -23.15 -6.76
N SER A 21 2.68 -21.85 -7.00
CA SER A 21 2.96 -21.28 -8.32
C SER A 21 4.09 -20.28 -8.31
N TYR A 22 4.24 -19.62 -7.16
CA TYR A 22 5.23 -18.56 -6.96
C TYR A 22 5.98 -18.91 -5.68
N PRO A 23 7.13 -19.60 -5.82
CA PRO A 23 7.94 -20.03 -4.65
C PRO A 23 8.21 -18.97 -3.58
N GLU A 24 8.56 -17.76 -3.99
CA GLU A 24 8.91 -16.73 -3.03
C GLU A 24 7.77 -16.39 -2.07
N CYS A 25 6.52 -16.60 -2.50
CA CYS A 25 5.38 -16.31 -1.63
C CYS A 25 5.46 -17.21 -0.40
N GLY A 26 6.25 -18.29 -0.51
CA GLY A 26 6.39 -19.18 0.62
C GLY A 26 7.69 -18.91 1.36
N ASN A 27 8.46 -17.91 0.95
CA ASN A 27 9.71 -17.63 1.65
C ASN A 27 9.48 -17.01 3.03
N ASN A 28 10.54 -16.69 3.75
CA ASN A 28 10.39 -16.24 5.14
C ASN A 28 10.60 -14.77 5.51
N ALA A 29 10.65 -13.88 4.53
CA ALA A 29 10.77 -12.44 4.85
C ALA A 29 9.67 -11.76 4.02
N GLN A 30 8.45 -12.23 4.21
CA GLN A 30 7.29 -11.75 3.47
C GLN A 30 6.51 -10.62 4.13
N SER A 31 5.63 -10.00 3.33
CA SER A 31 4.75 -8.93 3.79
C SER A 31 3.29 -9.34 3.45
N PRO A 32 2.28 -8.81 4.16
CA PRO A 32 2.35 -7.83 5.27
C PRO A 32 2.62 -8.54 6.59
N ILE A 33 2.83 -7.74 7.63
CA ILE A 33 3.07 -8.29 8.97
C ILE A 33 2.27 -7.51 10.02
N ASP A 34 2.19 -8.07 11.21
CA ASP A 34 1.55 -7.39 12.33
C ASP A 34 2.71 -6.70 13.08
N ILE A 35 2.68 -5.37 13.19
CA ILE A 35 3.74 -4.63 13.86
C ILE A 35 3.32 -4.42 15.33
N GLN A 36 4.01 -5.13 16.23
CA GLN A 36 3.72 -5.05 17.66
C GLN A 36 4.69 -4.06 18.26
N THR A 37 4.15 -2.92 18.69
CA THR A 37 5.00 -1.85 19.20
C THR A 37 5.85 -2.18 20.41
N ASP A 38 5.51 -3.23 21.14
CA ASP A 38 6.33 -3.57 22.29
C ASP A 38 7.53 -4.39 21.84
N SER A 39 7.67 -4.54 20.52
CA SER A 39 8.78 -5.32 19.99
C SER A 39 9.60 -4.55 18.96
N VAL A 40 9.22 -3.31 18.67
CA VAL A 40 9.99 -2.58 17.69
C VAL A 40 11.22 -1.98 18.34
N THR A 41 12.17 -1.61 17.51
CA THR A 41 13.41 -0.99 17.97
C THR A 41 13.49 0.44 17.47
N PHE A 42 13.65 1.37 18.39
CA PHE A 42 13.78 2.77 18.04
C PHE A 42 15.12 3.00 17.37
N ASP A 43 15.10 3.69 16.24
CA ASP A 43 16.31 4.02 15.52
C ASP A 43 16.34 5.53 15.36
N PRO A 44 17.14 6.18 16.19
CA PRO A 44 17.28 7.64 16.18
C PRO A 44 17.86 8.17 14.88
N ASP A 45 18.44 7.30 14.06
CA ASP A 45 19.00 7.75 12.78
C ASP A 45 18.04 7.69 11.60
N LEU A 46 16.82 7.17 11.79
CA LEU A 46 15.85 7.12 10.70
C LEU A 46 15.52 8.59 10.35
N PRO A 47 15.75 8.98 9.09
CA PRO A 47 15.48 10.34 8.63
C PRO A 47 14.02 10.65 8.35
N ALA A 48 13.73 11.93 8.20
CA ALA A 48 12.39 12.36 7.81
C ALA A 48 12.28 11.83 6.37
N LEU A 49 11.11 11.34 5.98
CA LEU A 49 10.90 10.79 4.63
C LEU A 49 11.14 11.74 3.45
N GLN A 50 10.60 12.95 3.56
CA GLN A 50 10.78 13.96 2.52
C GLN A 50 10.18 13.61 1.16
N PRO A 51 8.86 13.55 1.07
CA PRO A 51 8.33 13.23 -0.25
C PRO A 51 8.57 14.49 -1.09
N HIS A 52 9.06 14.32 -2.31
CA HIS A 52 9.29 15.48 -3.15
C HIS A 52 8.35 15.48 -4.32
N GLY A 53 7.73 16.62 -4.58
CA GLY A 53 6.82 16.72 -5.72
C GLY A 53 5.42 16.18 -5.51
N TYR A 54 5.12 15.71 -4.31
CA TYR A 54 3.80 15.14 -4.04
C TYR A 54 2.65 16.12 -4.23
N ASP A 55 2.89 17.38 -3.89
CA ASP A 55 1.86 18.40 -4.01
C ASP A 55 1.42 18.59 -5.46
N GLN A 56 2.31 18.34 -6.41
CA GLN A 56 1.98 18.51 -7.83
C GLN A 56 2.52 17.35 -8.65
N PRO A 57 1.76 16.25 -8.75
CA PRO A 57 2.24 15.10 -9.51
C PRO A 57 2.16 15.31 -11.03
N GLY A 58 3.00 16.22 -11.55
CA GLY A 58 2.98 16.49 -12.96
C GLY A 58 1.83 17.42 -13.33
N THR A 59 1.63 17.68 -14.63
CA THR A 59 0.55 18.56 -15.09
C THR A 59 -0.39 17.80 -16.01
N GLU A 60 0.03 16.62 -16.44
CA GLU A 60 -0.77 15.78 -17.33
C GLU A 60 -1.70 14.90 -16.51
N PRO A 61 -2.81 14.48 -17.11
CA PRO A 61 -3.77 13.61 -16.41
C PRO A 61 -3.04 12.33 -16.03
N LEU A 62 -3.39 11.74 -14.87
CA LEU A 62 -2.76 10.50 -14.43
C LEU A 62 -3.67 9.31 -14.78
N ASP A 63 -3.10 8.20 -15.24
CA ASP A 63 -3.90 7.03 -15.58
C ASP A 63 -4.39 6.28 -14.33
N LEU A 64 -5.66 5.88 -14.34
CA LEU A 64 -6.26 5.12 -13.24
C LEU A 64 -6.73 3.85 -13.93
N HIS A 65 -6.27 2.71 -13.41
CA HIS A 65 -6.57 1.43 -14.01
C HIS A 65 -7.11 0.39 -13.03
N ASN A 66 -8.17 -0.30 -13.43
CA ASN A 66 -8.70 -1.39 -12.62
C ASN A 66 -7.99 -2.59 -13.24
N ASN A 67 -7.06 -3.20 -12.53
CA ASN A 67 -6.38 -4.35 -13.12
C ASN A 67 -6.93 -5.67 -12.65
N GLY A 68 -8.13 -5.64 -12.06
CA GLY A 68 -8.75 -6.86 -11.58
C GLY A 68 -8.42 -7.23 -10.14
N HIS A 69 -7.26 -6.77 -9.67
CA HIS A 69 -6.80 -7.03 -8.30
C HIS A 69 -6.84 -5.79 -7.41
N THR A 70 -6.89 -4.60 -8.02
CA THR A 70 -6.92 -3.33 -7.27
C THR A 70 -7.20 -2.25 -8.29
N VAL A 71 -7.24 -0.99 -7.86
CA VAL A 71 -7.38 0.12 -8.79
C VAL A 71 -6.02 0.80 -8.61
N GLN A 72 -5.34 1.10 -9.72
CA GLN A 72 -4.00 1.65 -9.63
C GLN A 72 -3.79 2.95 -10.37
N LEU A 73 -3.15 3.89 -9.70
CA LEU A 73 -2.90 5.20 -10.26
C LEU A 73 -1.43 5.35 -10.64
N SER A 74 -1.17 5.59 -11.91
CA SER A 74 0.20 5.77 -12.36
C SER A 74 0.73 7.11 -11.86
N LEU A 75 1.99 7.14 -11.47
CA LEU A 75 2.59 8.36 -10.98
C LEU A 75 3.87 8.67 -11.75
N PRO A 76 4.20 9.96 -11.90
CA PRO A 76 5.40 10.39 -12.63
C PRO A 76 6.67 10.23 -11.79
N SER A 77 7.76 9.84 -12.44
CA SER A 77 9.03 9.62 -11.74
C SER A 77 9.67 10.90 -11.23
N THR A 78 9.02 12.04 -11.46
CA THR A 78 9.56 13.30 -10.96
C THR A 78 9.35 13.36 -9.45
N LEU A 79 8.39 12.58 -8.95
CA LEU A 79 8.15 12.51 -7.51
C LEU A 79 9.11 11.47 -6.94
N TYR A 80 9.66 11.73 -5.76
CA TYR A 80 10.57 10.79 -5.13
C TYR A 80 10.68 11.05 -3.64
N LEU A 81 11.29 10.11 -2.93
CA LEU A 81 11.46 10.23 -1.49
C LEU A 81 12.91 10.57 -1.21
N GLY A 82 13.15 11.60 -0.41
CA GLY A 82 14.52 12.00 -0.12
C GLY A 82 15.18 11.45 1.13
N GLY A 83 14.42 10.83 2.03
CA GLY A 83 15.05 10.32 3.25
C GLY A 83 15.37 8.82 3.33
N LEU A 84 15.67 8.19 2.20
CA LEU A 84 16.00 6.77 2.18
C LEU A 84 17.46 6.49 1.76
N PRO A 85 17.94 5.25 1.98
CA PRO A 85 19.31 4.90 1.60
C PRO A 85 19.66 5.17 0.14
N ARG A 86 18.65 5.19 -0.73
CA ARG A 86 18.85 5.45 -2.16
C ARG A 86 17.75 6.39 -2.64
N LYS A 87 17.85 6.87 -3.90
CA LYS A 87 16.83 7.74 -4.46
C LYS A 87 15.69 6.88 -5.03
N TYR A 88 14.55 6.90 -4.35
CA TYR A 88 13.43 6.09 -4.79
C TYR A 88 12.41 6.99 -5.45
N VAL A 89 12.12 6.72 -6.72
CA VAL A 89 11.16 7.51 -7.49
C VAL A 89 9.80 6.83 -7.51
N ALA A 90 8.76 7.65 -7.55
CA ALA A 90 7.38 7.19 -7.57
C ALA A 90 7.04 6.53 -8.89
N ALA A 91 6.23 5.47 -8.83
CA ALA A 91 5.81 4.78 -10.03
C ALA A 91 4.28 4.64 -10.08
N GLN A 92 3.67 4.32 -8.93
CA GLN A 92 2.23 4.13 -8.87
C GLN A 92 1.73 4.00 -7.41
N LEU A 93 0.42 4.13 -7.22
CA LEU A 93 -0.16 3.90 -5.91
C LEU A 93 -1.40 3.04 -6.20
N HIS A 94 -1.85 2.28 -5.20
CA HIS A 94 -3.02 1.44 -5.39
C HIS A 94 -3.57 1.13 -4.01
N LEU A 95 -4.71 0.45 -3.97
CA LEU A 95 -5.40 0.20 -2.70
C LEU A 95 -5.78 -1.24 -2.41
N HIS A 96 -5.93 -1.54 -1.12
CA HIS A 96 -6.36 -2.86 -0.66
C HIS A 96 -7.54 -2.56 0.30
N TRP A 97 -8.58 -3.38 0.25
CA TRP A 97 -9.76 -3.17 1.11
C TRP A 97 -10.43 -4.52 1.37
N GLY A 98 -11.45 -4.52 2.23
CA GLY A 98 -12.16 -5.75 2.56
C GLY A 98 -13.50 -5.80 1.85
N GLN A 99 -14.58 -5.76 2.62
CA GLN A 99 -15.90 -5.78 2.01
C GLN A 99 -16.97 -5.32 2.98
N LYS A 100 -17.99 -4.70 2.41
CA LYS A 100 -19.11 -4.18 3.20
C LYS A 100 -19.65 -5.29 4.13
N GLY A 101 -19.79 -4.97 5.41
CA GLY A 101 -20.31 -5.95 6.38
C GLY A 101 -19.27 -6.84 7.02
N SER A 102 -18.01 -6.71 6.62
CA SER A 102 -16.93 -7.52 7.18
C SER A 102 -15.88 -6.62 7.82
N PRO A 103 -15.14 -7.16 8.80
CA PRO A 103 -14.11 -6.36 9.46
C PRO A 103 -12.80 -6.40 8.66
N GLY A 104 -11.86 -5.52 8.97
CA GLY A 104 -10.59 -5.51 8.26
C GLY A 104 -10.59 -4.98 6.83
N GLY A 105 -9.48 -5.23 6.14
CA GLY A 105 -9.30 -4.74 4.78
C GLY A 105 -7.87 -4.23 4.59
N SER A 106 -7.20 -3.80 5.66
CA SER A 106 -5.80 -3.36 5.52
C SER A 106 -4.94 -4.62 5.38
N GLU A 107 -3.67 -4.45 4.98
CA GLU A 107 -2.77 -5.60 4.87
C GLU A 107 -1.96 -5.68 6.14
N HIS A 108 -1.26 -4.61 6.47
CA HIS A 108 -0.52 -4.60 7.73
C HIS A 108 -1.48 -4.39 8.89
N GLN A 109 -0.99 -4.71 10.09
CA GLN A 109 -1.74 -4.49 11.32
C GLN A 109 -0.75 -3.87 12.29
N ILE A 110 -1.25 -3.09 13.23
CA ILE A 110 -0.40 -2.52 14.26
C ILE A 110 -1.05 -3.01 15.56
N ASN A 111 -0.25 -3.70 16.38
CA ASN A 111 -0.72 -4.28 17.61
C ASN A 111 -1.96 -5.15 17.39
N SER A 112 -1.88 -5.96 16.35
CA SER A 112 -2.92 -6.90 15.98
C SER A 112 -4.28 -6.30 15.66
N GLU A 113 -4.32 -5.05 15.23
CA GLU A 113 -5.60 -4.43 14.82
C GLU A 113 -5.47 -4.05 13.35
N ALA A 114 -6.41 -4.54 12.52
CA ALA A 114 -6.44 -4.17 11.10
C ALA A 114 -7.36 -2.95 10.99
N THR A 115 -7.31 -2.25 9.88
CA THR A 115 -8.25 -1.14 9.66
C THR A 115 -9.01 -1.56 8.41
N PHE A 116 -9.85 -0.68 7.88
CA PHE A 116 -10.65 -1.03 6.71
C PHE A 116 -9.99 -1.08 5.34
N ALA A 117 -8.87 -0.41 5.17
CA ALA A 117 -8.19 -0.37 3.88
C ALA A 117 -6.75 0.09 4.08
N GLU A 118 -5.98 0.00 2.99
CA GLU A 118 -4.58 0.40 3.06
C GLU A 118 -4.14 0.94 1.69
N LEU A 119 -3.47 2.08 1.71
CA LEU A 119 -2.95 2.70 0.50
C LEU A 119 -1.47 2.37 0.41
N HIS A 120 -1.03 1.95 -0.78
CA HIS A 120 0.39 1.67 -1.05
C HIS A 120 0.88 2.60 -2.17
N ILE A 121 1.91 3.38 -1.87
CA ILE A 121 2.51 4.27 -2.86
C ILE A 121 3.87 3.61 -3.15
N VAL A 122 4.01 3.12 -4.37
CA VAL A 122 5.18 2.37 -4.79
C VAL A 122 6.26 3.17 -5.49
N HIS A 123 7.50 3.05 -4.99
CA HIS A 123 8.68 3.74 -5.54
C HIS A 123 9.77 2.72 -5.89
N TYR A 124 10.70 3.05 -6.78
CA TYR A 124 11.79 2.12 -7.07
C TYR A 124 13.10 2.89 -7.11
N ASP A 125 14.19 2.18 -6.83
CA ASP A 125 15.53 2.76 -6.81
C ASP A 125 16.01 3.01 -8.24
N SER A 126 15.95 4.26 -8.67
CA SER A 126 16.35 4.64 -10.02
C SER A 126 17.87 4.88 -10.07
N ASP A 127 18.51 4.96 -8.91
CA ASP A 127 19.97 5.12 -8.89
C ASP A 127 20.56 3.83 -9.43
N SER A 128 19.90 2.70 -9.11
CA SER A 128 20.37 1.38 -9.51
C SER A 128 19.67 0.73 -10.69
N TYR A 129 18.38 1.02 -10.86
CA TYR A 129 17.59 0.38 -11.91
C TYR A 129 16.88 1.37 -12.83
N ASP A 130 16.48 0.89 -14.01
CA ASP A 130 15.85 1.76 -14.98
C ASP A 130 14.33 1.63 -15.10
N SER A 131 13.73 0.72 -14.35
CA SER A 131 12.27 0.59 -14.41
C SER A 131 11.75 -0.10 -13.16
N LEU A 132 10.48 0.13 -12.87
CA LEU A 132 9.82 -0.48 -11.72
C LEU A 132 9.90 -2.02 -11.77
N SER A 133 9.59 -2.60 -12.92
CA SER A 133 9.59 -4.04 -13.06
C SER A 133 10.97 -4.62 -12.80
N GLU A 134 12.02 -3.97 -13.31
CA GLU A 134 13.38 -4.44 -13.09
C GLU A 134 13.71 -4.43 -11.58
N ALA A 135 13.47 -3.28 -10.96
CA ALA A 135 13.75 -3.12 -9.54
C ALA A 135 12.92 -4.04 -8.64
N ALA A 136 11.72 -4.39 -9.08
CA ALA A 136 10.83 -5.19 -8.26
C ALA A 136 11.37 -6.58 -7.92
N GLU A 137 12.40 -7.03 -8.63
CA GLU A 137 12.93 -8.37 -8.35
C GLU A 137 14.26 -8.33 -7.63
N ARG A 138 14.72 -7.14 -7.26
CA ARG A 138 16.02 -6.98 -6.62
C ARG A 138 15.95 -6.62 -5.15
N PRO A 139 17.01 -6.93 -4.39
CA PRO A 139 17.05 -6.61 -2.96
C PRO A 139 16.86 -5.10 -2.78
N GLN A 140 15.93 -4.71 -1.91
CA GLN A 140 15.62 -3.30 -1.67
C GLN A 140 15.45 -2.47 -2.97
N GLY A 141 14.96 -3.14 -4.01
CA GLY A 141 14.74 -2.47 -5.28
C GLY A 141 13.57 -1.49 -5.17
N LEU A 142 12.64 -1.79 -4.27
CA LEU A 142 11.46 -0.92 -4.08
C LEU A 142 11.34 -0.35 -2.67
N ALA A 143 10.65 0.77 -2.57
CA ALA A 143 10.35 1.42 -1.28
C ALA A 143 8.85 1.69 -1.38
N VAL A 144 8.06 1.02 -0.53
CA VAL A 144 6.61 1.26 -0.57
C VAL A 144 6.18 1.93 0.72
N LEU A 145 5.29 2.91 0.58
CA LEU A 145 4.72 3.60 1.74
C LEU A 145 3.34 2.98 1.96
N GLY A 146 3.10 2.54 3.19
CA GLY A 146 1.83 1.96 3.54
C GLY A 146 1.09 2.87 4.49
N ILE A 147 -0.12 3.27 4.10
CA ILE A 147 -0.94 4.13 4.92
C ILE A 147 -2.20 3.34 5.30
N LEU A 148 -2.41 3.09 6.61
CA LEU A 148 -3.61 2.35 7.02
C LEU A 148 -4.78 3.35 7.04
N ILE A 149 -5.92 2.93 6.51
CA ILE A 149 -7.08 3.82 6.38
C ILE A 149 -8.24 3.37 7.26
N GLU A 150 -8.75 4.30 8.07
CA GLU A 150 -9.89 3.98 8.93
C GLU A 150 -11.05 4.91 8.54
N VAL A 151 -12.17 4.76 9.21
CA VAL A 151 -13.32 5.62 8.87
C VAL A 151 -13.45 6.76 9.86
N GLY A 152 -13.65 7.95 9.32
CA GLY A 152 -13.83 9.14 10.15
C GLY A 152 -15.23 9.68 9.94
N GLU A 153 -15.48 10.84 10.52
CA GLU A 153 -16.78 11.48 10.45
C GLU A 153 -17.07 12.23 9.15
N THR A 154 -16.03 12.68 8.48
CA THR A 154 -16.23 13.47 7.27
C THR A 154 -15.55 12.98 6.02
N LYS A 155 -16.05 13.45 4.88
CA LYS A 155 -15.48 13.10 3.60
C LYS A 155 -14.05 13.61 3.49
N ASN A 156 -13.15 12.74 3.02
CA ASN A 156 -11.75 13.11 2.82
C ASN A 156 -11.61 13.53 1.36
N ILE A 157 -11.41 14.82 1.12
CA ILE A 157 -11.32 15.33 -0.24
C ILE A 157 -10.20 14.69 -1.07
N ALA A 158 -9.02 14.55 -0.46
CA ALA A 158 -7.88 13.94 -1.17
C ALA A 158 -8.24 12.56 -1.74
N TYR A 159 -8.76 11.67 -0.90
CA TYR A 159 -9.14 10.33 -1.39
C TYR A 159 -10.29 10.44 -2.39
N GLU A 160 -11.15 11.44 -2.21
CA GLU A 160 -12.26 11.60 -3.15
C GLU A 160 -11.73 11.83 -4.59
N HIS A 161 -10.54 12.43 -4.73
CA HIS A 161 -10.00 12.65 -6.08
C HIS A 161 -9.85 11.31 -6.81
N ILE A 162 -9.69 10.23 -6.03
CA ILE A 162 -9.54 8.91 -6.63
C ILE A 162 -10.88 8.20 -6.69
N LEU A 163 -11.57 8.19 -5.54
CA LEU A 163 -12.82 7.49 -5.40
C LEU A 163 -13.91 7.95 -6.36
N SER A 164 -13.88 9.24 -6.71
CA SER A 164 -14.87 9.80 -7.62
C SER A 164 -14.74 9.26 -9.05
N HIS A 165 -13.68 8.50 -9.32
CA HIS A 165 -13.50 7.94 -10.66
C HIS A 165 -13.71 6.43 -10.73
N LEU A 166 -14.01 5.80 -9.59
CA LEU A 166 -14.18 4.35 -9.62
C LEU A 166 -15.28 3.92 -10.58
N HIS A 167 -16.37 4.68 -10.65
CA HIS A 167 -17.47 4.29 -11.53
C HIS A 167 -17.09 4.24 -13.02
N GLU A 168 -15.97 4.86 -13.38
CA GLU A 168 -15.49 4.87 -14.76
C GLU A 168 -14.64 3.64 -15.09
N VAL A 169 -14.21 2.88 -14.08
CA VAL A 169 -13.37 1.70 -14.33
C VAL A 169 -13.87 0.47 -13.58
N ARG A 170 -15.19 0.26 -13.62
CA ARG A 170 -15.77 -0.85 -12.89
C ARG A 170 -15.29 -2.22 -13.34
N HIS A 171 -15.07 -2.37 -14.65
CA HIS A 171 -14.64 -3.65 -15.22
C HIS A 171 -13.14 -3.78 -15.32
N LYS A 172 -12.67 -4.99 -15.06
CA LYS A 172 -11.25 -5.30 -15.15
C LYS A 172 -10.66 -4.83 -16.47
N ASP A 173 -9.55 -4.11 -16.37
CA ASP A 173 -8.77 -3.56 -17.47
C ASP A 173 -9.22 -2.21 -18.03
N GLN A 174 -10.33 -1.70 -17.53
CA GLN A 174 -10.77 -0.39 -17.96
C GLN A 174 -9.84 0.64 -17.31
N LYS A 175 -9.71 1.79 -17.97
CA LYS A 175 -8.86 2.86 -17.50
C LYS A 175 -9.60 4.17 -17.65
N THR A 176 -9.15 5.19 -16.92
CA THR A 176 -9.74 6.52 -17.01
C THR A 176 -8.62 7.48 -16.60
N SER A 177 -8.91 8.78 -16.62
CA SER A 177 -7.92 9.80 -16.28
C SER A 177 -8.27 10.53 -14.99
N VAL A 178 -7.24 10.88 -14.22
CA VAL A 178 -7.43 11.61 -12.98
C VAL A 178 -6.55 12.88 -13.00
N PRO A 179 -7.15 14.06 -12.86
CA PRO A 179 -6.33 15.27 -12.86
C PRO A 179 -5.36 15.24 -11.69
N PRO A 180 -4.16 15.80 -11.87
CA PRO A 180 -3.16 15.85 -10.81
C PRO A 180 -3.78 16.48 -9.57
N PHE A 181 -3.41 16.00 -8.40
CA PHE A 181 -3.93 16.56 -7.15
C PHE A 181 -2.83 16.39 -6.13
N ASN A 182 -2.97 17.06 -4.98
CA ASN A 182 -1.98 17.01 -3.92
C ASN A 182 -2.00 15.64 -3.24
N LEU A 183 -0.99 14.83 -3.57
CA LEU A 183 -0.86 13.48 -3.02
C LEU A 183 -0.48 13.47 -1.57
N ARG A 184 0.14 14.54 -1.11
CA ARG A 184 0.55 14.62 0.29
C ARG A 184 -0.67 14.46 1.22
N GLU A 185 -1.81 14.94 0.77
CA GLU A 185 -3.02 14.88 1.56
C GLU A 185 -3.59 13.48 1.71
N LEU A 186 -3.01 12.52 1.00
CA LEU A 186 -3.44 11.11 1.15
C LEU A 186 -2.70 10.52 2.36
N LEU A 187 -1.63 11.18 2.78
CA LEU A 187 -0.79 10.71 3.88
C LEU A 187 -1.38 11.11 5.23
N PRO A 188 -1.08 10.33 6.27
CA PRO A 188 -1.64 10.70 7.58
C PRO A 188 -0.87 11.84 8.23
N LYS A 189 -1.33 12.23 9.42
CA LYS A 189 -0.64 13.26 10.15
C LYS A 189 0.62 12.64 10.75
N GLN A 190 1.58 13.49 11.11
CA GLN A 190 2.82 13.05 11.72
C GLN A 190 3.63 12.08 10.88
N LEU A 191 4.12 12.56 9.74
CA LEU A 191 4.93 11.76 8.82
C LEU A 191 6.19 11.29 9.50
N GLY A 192 6.57 11.99 10.60
CA GLY A 192 7.77 11.64 11.34
C GLY A 192 7.65 10.39 12.20
N GLN A 193 6.45 9.82 12.29
CA GLN A 193 6.26 8.61 13.10
C GLN A 193 5.91 7.47 12.15
N TYR A 194 6.91 6.61 11.89
CA TYR A 194 6.67 5.48 11.00
C TYR A 194 7.51 4.27 11.42
N PHE A 195 7.18 3.12 10.83
CA PHE A 195 7.90 1.87 11.09
C PHE A 195 8.61 1.50 9.79
N ARG A 196 9.76 0.85 9.92
CA ARG A 196 10.58 0.47 8.78
C ARG A 196 11.07 -0.97 8.95
N TYR A 197 10.87 -1.80 7.91
CA TYR A 197 11.32 -3.19 7.93
C TYR A 197 11.54 -3.72 6.51
N ASN A 198 12.28 -4.82 6.40
CA ASN A 198 12.52 -5.47 5.11
C ASN A 198 11.42 -6.48 4.85
N GLY A 199 10.78 -6.37 3.69
CA GLY A 199 9.70 -7.28 3.38
C GLY A 199 9.56 -7.58 1.90
N SER A 200 8.33 -7.83 1.47
CA SER A 200 8.12 -8.23 0.08
C SER A 200 6.92 -7.60 -0.57
N LEU A 201 6.74 -7.94 -1.85
CA LEU A 201 5.52 -7.55 -2.57
C LEU A 201 4.44 -8.38 -1.84
N THR A 202 3.23 -7.84 -1.68
CA THR A 202 2.19 -8.61 -0.99
C THR A 202 1.32 -9.36 -1.99
N THR A 203 1.75 -9.38 -3.25
CA THR A 203 1.05 -10.09 -4.30
C THR A 203 2.09 -10.91 -5.10
N PRO A 204 1.64 -11.97 -5.79
CA PRO A 204 2.57 -12.79 -6.59
C PRO A 204 3.33 -11.88 -7.58
N PRO A 205 4.61 -12.17 -7.85
CA PRO A 205 5.42 -13.29 -7.33
C PRO A 205 5.98 -13.17 -5.89
N CYS A 206 5.58 -12.14 -5.14
CA CYS A 206 6.02 -11.96 -3.74
C CYS A 206 7.51 -11.78 -3.56
N TYR A 207 8.18 -11.16 -4.54
CA TYR A 207 9.62 -10.92 -4.43
C TYR A 207 9.97 -10.16 -3.15
N GLN A 208 11.07 -10.55 -2.50
CA GLN A 208 11.53 -9.94 -1.26
C GLN A 208 12.39 -8.72 -1.60
N SER A 209 11.76 -7.77 -2.28
CA SER A 209 12.41 -6.57 -2.81
C SER A 209 12.01 -5.23 -2.20
N VAL A 210 11.16 -5.26 -1.19
CA VAL A 210 10.64 -4.01 -0.63
C VAL A 210 11.20 -3.55 0.71
N LEU A 211 11.63 -2.29 0.76
CA LEU A 211 12.05 -1.68 2.02
C LEU A 211 10.71 -1.01 2.37
N TRP A 212 10.02 -1.54 3.38
CA TRP A 212 8.70 -1.03 3.76
C TRP A 212 8.73 0.10 4.77
N THR A 213 7.78 1.01 4.61
CA THR A 213 7.59 2.12 5.55
C THR A 213 6.08 2.10 5.80
N VAL A 214 5.69 1.90 7.06
CA VAL A 214 4.28 1.90 7.42
C VAL A 214 4.07 3.02 8.45
N PHE A 215 3.22 3.98 8.13
CA PHE A 215 3.00 5.08 9.06
C PHE A 215 2.29 4.66 10.33
N TYR A 216 2.67 5.30 11.43
CA TYR A 216 2.05 4.99 12.71
C TYR A 216 0.60 5.49 12.76
N ARG A 217 0.35 6.71 12.25
CA ARG A 217 -1.00 7.26 12.26
C ARG A 217 -1.77 6.84 11.00
N ARG A 218 -3.08 6.78 11.13
CA ARG A 218 -3.99 6.37 10.06
C ARG A 218 -4.61 7.57 9.33
N SER A 219 -5.02 7.34 8.08
CA SER A 219 -5.71 8.38 7.33
C SER A 219 -7.18 8.03 7.53
N GLN A 220 -8.09 8.97 7.34
N GLN A 220 -8.08 8.98 7.32
CA GLN A 220 -9.51 8.68 7.53
CA GLN A 220 -9.51 8.73 7.51
C GLN A 220 -10.37 9.08 6.32
C GLN A 220 -10.36 9.08 6.30
N ILE A 221 -11.33 8.22 5.98
CA ILE A 221 -12.25 8.50 4.88
C ILE A 221 -13.64 8.32 5.51
N SER A 222 -14.69 8.86 4.88
CA SER A 222 -16.02 8.76 5.46
C SER A 222 -16.60 7.34 5.29
N MET A 223 -17.65 7.07 6.05
CA MET A 223 -18.33 5.78 5.97
C MET A 223 -18.81 5.57 4.53
N GLU A 224 -19.30 6.64 3.91
CA GLU A 224 -19.79 6.54 2.54
C GLU A 224 -18.65 6.30 1.56
N GLN A 225 -17.51 6.95 1.76
CA GLN A 225 -16.38 6.70 0.87
C GLN A 225 -15.93 5.24 0.99
N LEU A 226 -16.00 4.67 2.19
CA LEU A 226 -15.59 3.27 2.37
C LEU A 226 -16.52 2.33 1.61
N GLU A 227 -17.82 2.51 1.79
CA GLU A 227 -18.77 1.65 1.10
C GLU A 227 -18.52 1.77 -0.41
N LYS A 228 -18.17 2.97 -0.90
CA LYS A 228 -17.94 3.13 -2.32
C LYS A 228 -16.67 2.35 -2.75
N LEU A 229 -15.62 2.42 -1.94
CA LEU A 229 -14.38 1.72 -2.22
C LEU A 229 -14.60 0.20 -2.19
N GLN A 230 -15.43 -0.26 -1.26
CA GLN A 230 -15.74 -1.67 -1.10
C GLN A 230 -16.65 -2.32 -2.14
N GLY A 231 -17.49 -1.53 -2.80
CA GLY A 231 -18.43 -2.14 -3.72
C GLY A 231 -18.67 -1.53 -5.07
N THR A 232 -17.64 -0.96 -5.68
CA THR A 232 -17.85 -0.37 -7.00
C THR A 232 -17.18 -1.22 -8.09
N LEU A 233 -15.91 -1.51 -7.91
CA LEU A 233 -15.14 -2.27 -8.89
C LEU A 233 -15.43 -3.77 -8.96
N PHE A 234 -15.26 -4.33 -10.15
CA PHE A 234 -15.46 -5.76 -10.40
C PHE A 234 -14.09 -6.41 -10.65
N SER A 235 -13.96 -7.69 -10.35
CA SER A 235 -12.71 -8.41 -10.64
C SER A 235 -12.81 -8.99 -12.06
N THR A 236 -13.98 -8.85 -12.66
CA THR A 236 -14.30 -9.38 -13.98
C THR A 236 -14.21 -8.38 -15.14
N GLU A 237 -14.03 -8.90 -16.35
CA GLU A 237 -13.93 -8.06 -17.54
C GLU A 237 -15.29 -7.84 -18.20
N GLU A 238 -16.23 -8.71 -17.88
CA GLU A 238 -17.58 -8.63 -18.42
C GLU A 238 -18.47 -9.53 -17.58
N GLU A 239 -19.74 -9.57 -17.96
CA GLU A 239 -20.70 -10.38 -17.24
C GLU A 239 -20.39 -11.87 -17.32
N PRO A 240 -20.76 -12.62 -16.26
CA PRO A 240 -21.44 -12.08 -15.07
C PRO A 240 -20.39 -11.27 -14.28
N SER A 241 -20.82 -10.22 -13.59
CA SER A 241 -19.88 -9.40 -12.83
C SER A 241 -19.69 -9.86 -11.39
N LYS A 242 -18.45 -9.76 -10.92
CA LYS A 242 -18.13 -10.12 -9.53
C LYS A 242 -17.38 -8.95 -8.89
N LEU A 243 -17.88 -8.47 -7.76
CA LEU A 243 -17.23 -7.35 -7.08
C LEU A 243 -15.84 -7.70 -6.60
N LEU A 244 -14.93 -6.74 -6.78
CA LEU A 244 -13.54 -6.90 -6.31
C LEU A 244 -13.58 -6.57 -4.81
N VAL A 245 -13.43 -7.58 -3.96
CA VAL A 245 -13.45 -7.39 -2.52
C VAL A 245 -12.39 -8.26 -1.86
N GLN A 246 -12.06 -7.95 -0.59
CA GLN A 246 -11.10 -8.73 0.16
C GLN A 246 -9.76 -8.88 -0.59
N ASN A 247 -9.26 -7.81 -1.21
CA ASN A 247 -8.01 -7.93 -1.93
C ASN A 247 -6.80 -7.59 -1.05
N TYR A 248 -6.75 -8.21 0.13
CA TYR A 248 -5.62 -8.02 1.03
C TYR A 248 -5.07 -9.39 1.38
N ARG A 249 -3.76 -9.46 1.52
CA ARG A 249 -3.12 -10.73 1.85
C ARG A 249 -3.10 -10.97 3.35
N ALA A 250 -3.20 -12.24 3.75
CA ALA A 250 -3.15 -12.61 5.17
C ALA A 250 -1.76 -12.24 5.75
N LEU A 251 -1.73 -12.04 7.06
CA LEU A 251 -0.49 -11.70 7.75
C LEU A 251 0.56 -12.80 7.55
N GLN A 252 1.82 -12.39 7.45
CA GLN A 252 2.93 -13.32 7.26
C GLN A 252 3.76 -13.29 8.55
N PRO A 253 4.43 -14.41 8.88
CA PRO A 253 5.25 -14.48 10.11
C PRO A 253 6.42 -13.49 10.08
N LEU A 254 6.66 -12.84 11.21
CA LEU A 254 7.78 -11.90 11.30
C LEU A 254 9.10 -12.67 11.10
N ASN A 255 9.12 -13.93 11.53
CA ASN A 255 10.30 -14.75 11.36
C ASN A 255 11.58 -14.08 11.80
N GLN A 256 11.53 -13.53 13.01
CA GLN A 256 12.69 -12.90 13.64
C GLN A 256 13.32 -11.65 13.01
N ARG A 257 12.61 -11.00 12.08
CA ARG A 257 13.11 -9.76 11.51
C ARG A 257 12.88 -8.68 12.56
N MET A 258 13.61 -7.59 12.42
N MET A 258 13.62 -7.59 12.47
CA MET A 258 13.49 -6.46 13.33
CA MET A 258 13.39 -6.50 13.42
C MET A 258 12.61 -5.39 12.66
C MET A 258 12.60 -5.43 12.69
N VAL A 259 11.74 -4.75 13.43
CA VAL A 259 10.95 -3.69 12.86
C VAL A 259 11.46 -2.46 13.61
N PHE A 260 11.81 -1.42 12.87
CA PHE A 260 12.33 -0.22 13.49
C PHE A 260 11.31 0.89 13.51
N ALA A 261 11.38 1.71 14.57
CA ALA A 261 10.50 2.84 14.75
C ALA A 261 11.31 4.12 14.68
N SER A 262 10.79 5.09 13.96
CA SER A 262 11.46 6.38 13.76
C SER A 262 11.12 7.33 14.90
N PHE A 263 10.46 6.83 15.94
CA PHE A 263 10.01 7.71 17.00
C PHE A 263 9.84 6.95 18.29
N ILE A 264 9.78 7.70 19.38
CA ILE A 264 9.56 7.10 20.67
C ILE A 264 8.80 8.15 21.50
N GLN A 265 7.98 7.71 22.44
CA GLN A 265 7.22 8.66 23.25
C GLN A 265 7.04 8.10 24.65
N ALA A 266 6.41 8.88 25.53
CA ALA A 266 6.20 8.40 26.88
C ALA A 266 5.26 7.20 26.78
N GLY A 267 5.52 6.18 27.58
CA GLY A 267 4.65 5.01 27.53
C GLY A 267 4.84 4.09 26.34
N SER A 268 5.84 4.35 25.51
CA SER A 268 6.12 3.48 24.38
C SER A 268 6.41 2.10 24.98
N SER A 269 5.99 1.03 24.31
CA SER A 269 6.24 -0.31 24.85
C SER A 269 7.68 -0.79 24.60
N TYR A 270 8.54 0.14 24.17
CA TYR A 270 9.97 -0.14 23.91
C TYR A 270 10.78 1.05 24.47
N THR A 271 12.08 0.88 24.65
CA THR A 271 12.90 1.97 25.22
C THR A 271 14.06 2.48 24.35
C1 NAG B . 17.32 -4.91 5.32
C2 NAG B . 17.84 -4.05 6.48
C3 NAG B . 19.23 -3.50 6.16
C4 NAG B . 20.18 -4.63 5.69
C5 NAG B . 19.52 -5.41 4.55
C6 NAG B . 20.38 -6.59 4.07
C7 NAG B . 16.04 -3.03 7.74
C8 NAG B . 15.17 -1.80 7.96
N2 NAG B . 16.94 -2.96 6.75
O3 NAG B . 19.75 -2.91 7.34
O4 NAG B . 21.42 -4.09 5.23
O5 NAG B . 18.26 -5.94 4.98
O6 NAG B . 20.59 -7.50 5.13
O7 NAG B . 15.89 -4.03 8.47
C1 NAG B . 22.53 -4.36 6.01
C2 NAG B . 23.80 -4.19 5.16
C3 NAG B . 25.05 -4.36 6.02
C4 NAG B . 25.00 -3.49 7.28
C5 NAG B . 23.63 -3.57 7.99
C6 NAG B . 23.49 -2.44 9.00
C7 NAG B . 23.53 -4.71 2.85
C8 NAG B . 23.69 -5.69 1.70
N2 NAG B . 23.80 -5.15 4.08
O3 NAG B . 26.19 -4.00 5.25
O4 NAG B . 26.02 -3.92 8.19
O5 NAG B . 22.54 -3.41 7.07
O6 NAG B . 23.33 -2.96 10.30
O7 NAG B . 23.18 -3.55 2.62
C1 BMA B . 26.76 -2.96 8.87
C2 BMA B . 27.64 -3.61 9.92
C3 BMA B . 28.43 -2.52 10.65
C4 BMA B . 29.22 -1.67 9.66
C5 BMA B . 28.32 -1.20 8.53
C6 BMA B . 29.09 -0.55 7.43
O2 BMA B . 28.55 -4.51 9.29
O3 BMA B . 29.34 -3.11 11.59
O4 BMA B . 29.75 -0.54 10.35
O5 BMA B . 27.59 -2.29 7.92
O6 BMA B . 28.15 0.07 6.55
C1 MAN B . 29.15 -2.72 12.92
C2 MAN B . 30.42 -3.03 13.74
C3 MAN B . 30.61 -4.55 13.88
C4 MAN B . 29.35 -5.18 14.48
C5 MAN B . 28.14 -4.81 13.61
C6 MAN B . 26.82 -5.32 14.16
O2 MAN B . 30.31 -2.42 15.02
O3 MAN B . 31.73 -4.82 14.72
O4 MAN B . 29.49 -6.60 14.53
O5 MAN B . 28.03 -3.37 13.52
O6 MAN B . 26.11 -6.06 13.17
C1 MAN B . 28.71 0.48 5.34
C2 MAN B . 27.62 1.14 4.49
C3 MAN B . 26.58 0.09 4.07
C4 MAN B . 27.25 -1.13 3.41
C5 MAN B . 28.37 -1.67 4.30
C6 MAN B . 29.17 -2.78 3.65
O2 MAN B . 28.19 1.75 3.35
O3 MAN B . 25.66 0.68 3.17
O4 MAN B . 26.29 -2.15 3.20
O5 MAN B . 29.30 -0.61 4.63
O6 MAN B . 29.85 -2.30 2.49
ZN ZN C . -0.26 -3.12 -2.37
C1 AZM D . 2.93 -4.65 -4.64
C2 AZM D . 3.75 -4.90 -6.81
C3 AZM D . 4.97 -3.76 -8.55
C4 AZM D . 5.51 -3.91 -9.93
N1 AZM D . 1.01 -4.62 -2.69
N2 AZM D . 3.14 -5.98 -6.38
N3 AZM D . 2.66 -5.82 -5.10
N4 AZM D . 4.30 -4.86 -8.05
O1 AZM D . 3.41 -4.92 -2.22
O2 AZM D . 2.60 -2.73 -2.92
O3 AZM D . 5.07 -2.76 -7.88
S1 AZM D . 2.48 -4.15 -3.00
S2 AZM D . 3.80 -3.59 -5.69
C1 GOL E . 12.59 -21.23 -0.28
O1 GOL E . 11.95 -22.20 0.54
C2 GOL E . 11.64 -20.63 -1.30
O2 GOL E . 10.53 -20.05 -0.59
C3 GOL E . 12.35 -19.55 -2.14
O3 GOL E . 11.60 -19.11 -3.28
C1 GOL F . 1.84 2.52 -13.16
O1 GOL F . 0.69 1.72 -13.09
C2 GOL F . 2.89 1.87 -14.02
O2 GOL F . 3.24 2.79 -15.08
C3 GOL F . 4.12 1.53 -13.20
O3 GOL F . 5.33 1.94 -13.84
C1 GOL G . -11.55 -2.32 10.90
O1 GOL G . -12.27 -3.58 11.08
C2 GOL G . -11.89 -1.26 11.97
O2 GOL G . -11.98 -1.90 13.26
C3 GOL G . -10.86 -0.14 12.05
O3 GOL G . -10.86 0.70 10.86
C1 GOL H . -1.78 -5.81 -7.35
O1 GOL H . -1.76 -5.64 -5.95
C2 GOL H . -0.61 -5.08 -8.00
O2 GOL H . -0.97 -4.72 -9.34
C3 GOL H . -0.24 -3.83 -7.25
O3 GOL H . 0.69 -3.06 -7.96
S SO4 I . 7.34 -0.71 -15.78
O1 SO4 I . 8.53 -1.43 -15.24
O2 SO4 I . 6.81 -1.46 -16.94
O3 SO4 I . 7.73 0.65 -16.19
O4 SO4 I . 6.29 -0.63 -14.74
S SO4 J . 6.26 -14.69 14.21
O1 SO4 J . 7.44 -15.07 13.38
O2 SO4 J . 5.53 -15.93 14.56
O3 SO4 J . 5.34 -13.77 13.49
O4 SO4 J . 6.71 -13.99 15.42
#